data_7V1K
#
_entry.id   7V1K
#
_cell.length_a   95.358
_cell.length_b   95.358
_cell.length_c   206.229
_cell.angle_alpha   90.000
_cell.angle_beta   90.000
_cell.angle_gamma   120.000
#
_symmetry.space_group_name_H-M   'P 62 2 2'
#
_entity_poly.entity_id   1
_entity_poly.type   'polypeptide(L)'
_entity_poly.pdbx_seq_one_letter_code
;SADKVESLDVDSEAKKLLGLGQKHLVMGDIPAAVNAFQEAASLLGKKYGETANECGEAFFFYGKSLLELARLENKSLQEN
EEEEIGNLELAWDMLDLAKIIFKRQETKEAQLYAAQAHLKLGEVSVESENYVQAVEEFQSCLNLQEQYLEAHDRLLAETH
YQLGLAYGYNSQYDEAVAQFSKSIEVIENRMAVLNEQVKEAEGSSAEYKKEIEELKELLPEIREKIEDAKESQRSGNVAE
LALKATLVESST
;
_entity_poly.pdbx_strand_id   A
#
# COMPACT_ATOMS: atom_id res chain seq x y z
N ASP A 9 22.42 16.34 -3.82
CA ASP A 9 23.07 16.16 -5.12
C ASP A 9 22.29 15.16 -5.92
N VAL A 10 22.73 13.90 -5.87
CA VAL A 10 22.06 12.84 -6.59
C VAL A 10 20.77 12.43 -5.87
N ASP A 11 20.90 11.98 -4.62
CA ASP A 11 19.73 11.57 -3.83
C ASP A 11 18.66 12.65 -3.82
N SER A 12 19.07 13.92 -3.77
CA SER A 12 18.11 15.01 -3.81
C SER A 12 17.37 15.04 -5.15
N GLU A 13 18.12 15.16 -6.25
CA GLU A 13 17.48 15.28 -7.56
C GLU A 13 16.75 14.02 -7.95
N ALA A 14 17.06 12.89 -7.31
CA ALA A 14 16.35 11.64 -7.61
C ALA A 14 15.07 11.50 -6.80
N LYS A 15 15.15 11.78 -5.49
CA LYS A 15 13.94 11.77 -4.68
C LYS A 15 12.89 12.71 -5.26
N LYS A 16 13.34 13.77 -5.95
CA LYS A 16 12.41 14.67 -6.63
C LYS A 16 11.65 13.95 -7.74
N LEU A 17 12.35 13.11 -8.52
CA LEU A 17 11.75 12.41 -9.64
C LEU A 17 10.78 11.32 -9.21
N LEU A 18 10.92 10.81 -7.99
CA LEU A 18 10.00 9.81 -7.47
C LEU A 18 8.64 10.42 -7.18
N GLY A 19 8.61 11.61 -6.56
CA GLY A 19 7.35 12.27 -6.30
C GLY A 19 6.57 12.57 -7.56
N LEU A 20 7.27 12.81 -8.68
CA LEU A 20 6.59 13.06 -9.94
C LEU A 20 5.85 11.82 -10.43
N GLY A 21 6.59 10.72 -10.61
CA GLY A 21 6.00 9.53 -11.20
C GLY A 21 4.79 9.02 -10.45
N GLN A 22 4.75 9.23 -9.13
CA GLN A 22 3.60 8.79 -8.35
C GLN A 22 2.38 9.67 -8.62
N LYS A 23 2.59 10.99 -8.70
CA LYS A 23 1.51 11.88 -9.12
C LYS A 23 1.33 11.93 -10.63
N HIS A 24 2.09 11.12 -11.38
CA HIS A 24 1.76 10.86 -12.76
C HIS A 24 0.82 9.68 -12.90
N LEU A 25 0.87 8.73 -11.95
CA LEU A 25 -0.20 7.74 -11.86
C LEU A 25 -1.47 8.38 -11.32
N VAL A 26 -1.33 9.27 -10.32
CA VAL A 26 -2.43 10.14 -9.92
C VAL A 26 -2.97 10.86 -11.15
N MET A 27 -2.06 11.31 -12.02
CA MET A 27 -2.48 11.90 -13.29
C MET A 27 -2.89 10.85 -14.30
N GLY A 28 -2.48 9.60 -14.12
CA GLY A 28 -2.73 8.57 -15.10
C GLY A 28 -1.96 8.71 -16.39
N ASP A 29 -1.08 9.71 -16.50
CA ASP A 29 -0.25 9.87 -17.70
C ASP A 29 0.93 8.91 -17.58
N ILE A 30 0.63 7.64 -17.85
CA ILE A 30 1.64 6.58 -17.65
C ILE A 30 2.92 6.80 -18.45
N PRO A 31 2.87 7.13 -19.76
CA PRO A 31 4.13 7.18 -20.52
C PRO A 31 5.15 8.14 -19.95
N ALA A 32 4.70 9.26 -19.39
CA ALA A 32 5.58 10.18 -18.68
C ALA A 32 5.88 9.71 -17.27
N ALA A 33 4.98 8.90 -16.68
CA ALA A 33 5.29 8.27 -15.40
C ALA A 33 6.44 7.29 -15.54
N VAL A 34 6.58 6.66 -16.71
CA VAL A 34 7.70 5.75 -16.93
C VAL A 34 9.01 6.52 -17.00
N ASN A 35 9.08 7.55 -17.86
CA ASN A 35 10.30 8.35 -17.93
C ASN A 35 10.61 9.07 -16.64
N ALA A 36 9.62 9.28 -15.77
CA ALA A 36 9.90 9.82 -14.45
C ALA A 36 10.71 8.83 -13.62
N PHE A 37 10.36 7.54 -13.66
CA PHE A 37 11.11 6.54 -12.91
C PHE A 37 12.37 6.10 -13.63
N GLN A 38 12.37 6.09 -14.98
CA GLN A 38 13.56 5.78 -15.77
C GLN A 38 14.79 6.51 -15.26
N GLU A 39 14.78 7.85 -15.32
CA GLU A 39 15.97 8.60 -14.90
C GLU A 39 16.25 8.38 -13.42
N ALA A 40 15.21 8.46 -12.58
CA ALA A 40 15.40 8.27 -11.14
C ALA A 40 16.08 6.92 -10.86
N ALA A 41 15.53 5.84 -11.43
CA ALA A 41 16.16 4.54 -11.21
C ALA A 41 17.55 4.48 -11.81
N SER A 42 17.82 5.28 -12.85
CA SER A 42 19.15 5.27 -13.46
C SER A 42 20.18 5.89 -12.53
N LEU A 43 19.88 7.07 -11.97
CA LEU A 43 20.83 7.75 -11.11
C LEU A 43 21.26 6.88 -9.93
N LEU A 44 20.29 6.36 -9.18
CA LEU A 44 20.61 5.55 -8.02
C LEU A 44 21.38 4.29 -8.41
N GLY A 45 21.06 3.71 -9.57
CA GLY A 45 21.83 2.57 -10.04
C GLY A 45 23.27 2.95 -10.36
N LYS A 46 23.46 4.04 -11.12
CA LYS A 46 24.81 4.44 -11.49
C LYS A 46 25.62 4.88 -10.27
N LYS A 47 24.94 5.32 -9.21
CA LYS A 47 25.66 5.77 -8.04
C LYS A 47 25.91 4.63 -7.05
N TYR A 48 24.87 3.89 -6.69
CA TYR A 48 24.95 2.94 -5.59
C TYR A 48 25.05 1.49 -6.02
N GLY A 49 24.88 1.19 -7.29
CA GLY A 49 24.94 -0.20 -7.71
C GLY A 49 23.56 -0.78 -7.96
N GLU A 50 23.55 -1.86 -8.75
CA GLU A 50 22.34 -2.57 -9.16
C GLU A 50 21.69 -3.33 -8.01
N THR A 51 22.29 -3.31 -6.83
CA THR A 51 21.67 -4.02 -5.75
C THR A 51 21.62 -3.24 -4.44
N ALA A 52 22.26 -2.08 -4.33
CA ALA A 52 22.27 -1.36 -3.06
C ALA A 52 20.85 -1.00 -2.62
N ASN A 53 20.65 -0.97 -1.29
CA ASN A 53 19.31 -0.76 -0.71
C ASN A 53 18.66 0.53 -1.19
N GLU A 54 19.46 1.50 -1.63
CA GLU A 54 18.94 2.78 -2.08
C GLU A 54 17.96 2.60 -3.26
N CYS A 55 18.17 1.58 -4.08
CA CYS A 55 17.46 1.44 -5.35
C CYS A 55 16.24 0.53 -5.29
N GLY A 56 15.90 -0.02 -4.14
CA GLY A 56 14.70 -0.83 -4.03
C GLY A 56 13.42 -0.07 -4.32
N GLU A 57 13.15 1.01 -3.57
CA GLU A 57 11.92 1.75 -3.83
C GLU A 57 11.89 2.23 -5.27
N ALA A 58 13.06 2.53 -5.84
CA ALA A 58 13.11 3.02 -7.21
C ALA A 58 12.83 1.90 -8.22
N PHE A 59 13.58 0.79 -8.15
CA PHE A 59 13.40 -0.28 -9.12
C PHE A 59 11.98 -0.83 -9.08
N PHE A 60 11.33 -0.76 -7.92
CA PHE A 60 9.96 -1.26 -7.83
C PHE A 60 9.04 -0.39 -8.66
N PHE A 61 8.98 0.92 -8.36
CA PHE A 61 8.03 1.78 -9.04
C PHE A 61 8.31 1.83 -10.53
N TYR A 62 9.58 1.79 -10.91
CA TYR A 62 9.91 1.76 -12.33
C TYR A 62 9.38 0.49 -12.97
N GLY A 63 9.57 -0.65 -12.30
CA GLY A 63 8.99 -1.89 -12.82
C GLY A 63 7.48 -1.81 -12.83
N LYS A 64 6.89 -1.34 -11.72
CA LYS A 64 5.45 -1.22 -11.62
C LYS A 64 4.89 -0.44 -12.82
N SER A 65 5.55 0.66 -13.19
CA SER A 65 5.02 1.49 -14.27
C SER A 65 5.09 0.77 -15.62
N LEU A 66 6.17 0.04 -15.86
CA LEU A 66 6.32 -0.65 -17.15
C LEU A 66 5.21 -1.67 -17.36
N LEU A 67 4.78 -2.33 -16.27
CA LEU A 67 3.64 -3.23 -16.34
C LEU A 67 2.38 -2.48 -16.76
N GLU A 68 2.07 -1.38 -16.07
CA GLU A 68 0.92 -0.54 -16.45
C GLU A 68 1.07 0.00 -17.85
N LEU A 69 2.30 0.40 -18.21
CA LEU A 69 2.56 0.90 -19.56
C LEU A 69 2.27 -0.16 -20.60
N ALA A 70 2.43 -1.42 -20.24
CA ALA A 70 2.28 -2.51 -21.17
C ALA A 70 0.84 -2.89 -21.40
N ARG A 71 -0.08 -1.99 -21.12
CA ARG A 71 -1.48 -2.23 -21.34
C ARG A 71 -2.06 -1.11 -22.21
N GLU A 81 1.64 -9.74 -28.93
CA GLU A 81 3.04 -9.58 -29.36
C GLU A 81 3.30 -8.20 -29.93
N GLU A 82 4.02 -7.38 -29.16
CA GLU A 82 4.51 -6.10 -29.63
C GLU A 82 5.56 -5.61 -28.66
N GLU A 83 5.88 -4.30 -28.72
CA GLU A 83 6.59 -3.64 -27.62
C GLU A 83 5.97 -3.91 -26.25
N GLU A 84 4.70 -4.30 -26.18
CA GLU A 84 4.15 -4.78 -24.91
C GLU A 84 4.99 -5.94 -24.37
N ILE A 85 5.33 -6.91 -25.24
CA ILE A 85 6.18 -8.02 -24.79
C ILE A 85 7.58 -7.55 -24.42
N GLY A 86 8.06 -6.49 -25.08
CA GLY A 86 9.35 -5.94 -24.70
C GLY A 86 9.34 -5.33 -23.32
N ASN A 87 8.31 -4.53 -23.00
CA ASN A 87 8.26 -3.85 -21.71
C ASN A 87 8.10 -4.83 -20.56
N LEU A 88 7.30 -5.89 -20.75
CA LEU A 88 7.20 -6.93 -19.73
C LEU A 88 8.56 -7.52 -19.37
N GLU A 89 9.40 -7.81 -20.36
CA GLU A 89 10.71 -8.40 -20.08
C GLU A 89 11.51 -7.53 -19.13
N LEU A 90 11.54 -6.22 -19.40
CA LEU A 90 12.27 -5.30 -18.55
C LEU A 90 11.56 -5.13 -17.21
N ALA A 91 10.23 -4.96 -17.22
CA ALA A 91 9.49 -4.79 -15.98
C ALA A 91 9.76 -5.94 -15.03
N TRP A 92 9.87 -7.14 -15.57
CA TRP A 92 10.28 -8.28 -14.75
C TRP A 92 11.63 -8.04 -14.12
N ASP A 93 12.67 -7.86 -14.96
CA ASP A 93 14.04 -7.71 -14.47
C ASP A 93 14.12 -6.70 -13.34
N MET A 94 13.39 -5.59 -13.48
CA MET A 94 13.40 -4.52 -12.48
C MET A 94 12.81 -5.01 -11.16
N LEU A 95 11.62 -5.58 -11.23
CA LEU A 95 10.96 -6.04 -10.03
C LEU A 95 11.74 -7.19 -9.38
N ASP A 96 12.39 -8.03 -10.19
CA ASP A 96 13.28 -9.03 -9.61
C ASP A 96 14.33 -8.34 -8.74
N LEU A 97 15.00 -7.32 -9.28
CA LEU A 97 16.00 -6.59 -8.50
C LEU A 97 15.39 -6.02 -7.24
N ALA A 98 14.31 -5.26 -7.38
CA ALA A 98 13.65 -4.68 -6.23
C ALA A 98 13.31 -5.78 -5.21
N LYS A 99 12.88 -6.95 -5.67
CA LYS A 99 12.65 -8.09 -4.77
C LYS A 99 13.92 -8.47 -4.02
N ILE A 100 14.99 -8.71 -4.78
CA ILE A 100 16.27 -9.08 -4.16
C ILE A 100 16.69 -8.00 -3.17
N ILE A 101 16.55 -6.74 -3.57
CA ILE A 101 16.96 -5.63 -2.71
C ILE A 101 16.11 -5.58 -1.45
N PHE A 102 14.82 -5.87 -1.56
CA PHE A 102 13.95 -5.78 -0.39
C PHE A 102 14.16 -6.96 0.54
N LYS A 103 14.12 -8.18 -0.01
CA LYS A 103 14.08 -9.39 0.80
C LYS A 103 15.23 -9.45 1.80
N ARG A 104 16.43 -9.01 1.39
CA ARG A 104 17.61 -9.22 2.23
C ARG A 104 17.60 -8.44 3.53
N GLN A 105 16.69 -7.48 3.70
CA GLN A 105 16.69 -6.59 4.86
C GLN A 105 15.67 -7.02 5.89
N GLU A 106 16.11 -7.15 7.14
CA GLU A 106 15.22 -7.68 8.20
C GLU A 106 14.37 -6.53 8.73
N THR A 107 13.24 -6.26 8.06
CA THR A 107 12.33 -5.18 8.43
C THR A 107 10.92 -5.50 7.97
N LYS A 108 9.96 -5.43 8.91
CA LYS A 108 8.57 -5.68 8.53
C LYS A 108 8.23 -4.90 7.28
N GLU A 109 8.63 -3.62 7.22
CA GLU A 109 8.37 -2.83 6.04
C GLU A 109 9.14 -3.34 4.83
N ALA A 110 10.43 -3.64 5.01
CA ALA A 110 11.21 -4.11 3.86
C ALA A 110 10.66 -5.42 3.32
N GLN A 111 10.04 -6.25 4.17
CA GLN A 111 9.53 -7.54 3.72
C GLN A 111 8.25 -7.38 2.92
N LEU A 112 7.32 -6.55 3.42
CA LEU A 112 6.06 -6.36 2.73
C LEU A 112 6.28 -5.70 1.37
N TYR A 113 7.29 -4.84 1.28
CA TYR A 113 7.72 -4.39 -0.04
C TYR A 113 8.13 -5.58 -0.90
N ALA A 114 8.97 -6.46 -0.36
CA ALA A 114 9.37 -7.64 -1.13
C ALA A 114 8.15 -8.48 -1.52
N ALA A 115 7.19 -8.62 -0.61
CA ALA A 115 5.92 -9.26 -0.96
C ALA A 115 5.28 -8.55 -2.14
N GLN A 116 5.30 -7.22 -2.13
CA GLN A 116 4.78 -6.44 -3.24
C GLN A 116 5.57 -6.65 -4.52
N ALA A 117 6.87 -6.90 -4.40
CA ALA A 117 7.63 -7.26 -5.58
C ALA A 117 7.09 -8.56 -6.18
N HIS A 118 7.00 -9.62 -5.37
CA HIS A 118 6.45 -10.89 -5.86
C HIS A 118 5.06 -10.67 -6.44
N LEU A 119 4.27 -9.80 -5.82
CA LEU A 119 2.91 -9.58 -6.30
C LEU A 119 2.92 -9.10 -7.74
N LYS A 120 3.55 -7.96 -7.99
CA LYS A 120 3.62 -7.46 -9.37
C LYS A 120 4.45 -8.39 -10.25
N LEU A 121 5.39 -9.12 -9.65
CA LEU A 121 6.15 -10.11 -10.39
C LEU A 121 5.23 -11.16 -11.00
N GLY A 122 4.25 -11.62 -10.21
CA GLY A 122 3.24 -12.53 -10.73
C GLY A 122 2.21 -11.89 -11.64
N GLU A 123 1.90 -10.60 -11.41
CA GLU A 123 1.03 -9.90 -12.35
C GLU A 123 1.68 -9.84 -13.74
N VAL A 124 3.00 -9.61 -13.79
CA VAL A 124 3.72 -9.63 -15.07
C VAL A 124 3.69 -11.02 -15.68
N SER A 125 3.76 -12.06 -14.84
CA SER A 125 3.66 -13.43 -15.36
C SER A 125 2.30 -13.69 -15.97
N VAL A 126 1.23 -13.19 -15.33
CA VAL A 126 -0.09 -13.35 -15.91
C VAL A 126 -0.17 -12.68 -17.28
N GLU A 127 0.26 -11.42 -17.36
CA GLU A 127 0.23 -10.70 -18.62
C GLU A 127 1.02 -11.43 -19.72
N SER A 128 2.03 -12.23 -19.34
CA SER A 128 2.86 -12.93 -20.31
C SER A 128 2.40 -14.35 -20.58
N GLU A 129 1.18 -14.69 -20.19
CA GLU A 129 0.54 -15.99 -20.39
C GLU A 129 1.23 -17.13 -19.61
N ASN A 130 2.28 -16.85 -18.85
CA ASN A 130 2.89 -17.83 -17.95
C ASN A 130 2.17 -17.83 -16.62
N TYR A 131 1.31 -18.82 -16.40
CA TYR A 131 0.52 -18.84 -15.18
C TYR A 131 1.18 -19.61 -14.06
N VAL A 132 1.95 -20.65 -14.40
CA VAL A 132 2.67 -21.40 -13.39
C VAL A 132 3.60 -20.48 -12.60
N GLN A 133 4.31 -19.58 -13.30
CA GLN A 133 5.13 -18.61 -12.59
C GLN A 133 4.29 -17.64 -11.78
N ALA A 134 3.19 -17.17 -12.36
CA ALA A 134 2.26 -16.34 -11.61
C ALA A 134 1.85 -17.01 -10.30
N VAL A 135 1.48 -18.29 -10.39
CA VAL A 135 1.17 -19.06 -9.17
C VAL A 135 2.35 -19.03 -8.21
N GLU A 136 3.56 -19.21 -8.73
CA GLU A 136 4.72 -19.18 -7.83
C GLU A 136 4.89 -17.81 -7.20
N GLU A 137 4.96 -16.74 -8.00
CA GLU A 137 5.23 -15.43 -7.43
C GLU A 137 4.10 -14.98 -6.50
N PHE A 138 2.83 -15.27 -6.84
CA PHE A 138 1.73 -14.94 -5.93
C PHE A 138 1.87 -15.74 -4.63
N GLN A 139 2.22 -17.02 -4.76
CA GLN A 139 2.47 -17.82 -3.58
C GLN A 139 3.60 -17.23 -2.74
N SER A 140 4.68 -16.79 -3.40
CA SER A 140 5.80 -16.19 -2.67
C SER A 140 5.33 -15.01 -1.85
N CYS A 141 4.47 -14.18 -2.45
CA CYS A 141 3.99 -12.96 -1.81
C CYS A 141 3.02 -13.27 -0.68
N LEU A 142 2.07 -14.19 -0.92
CA LEU A 142 1.19 -14.59 0.16
C LEU A 142 1.99 -15.11 1.33
N ASN A 143 3.05 -15.89 1.05
CA ASN A 143 3.86 -16.45 2.11
C ASN A 143 4.32 -15.36 3.05
N LEU A 144 5.00 -14.36 2.49
CA LEU A 144 5.59 -13.28 3.28
C LEU A 144 4.53 -12.51 4.06
N GLN A 145 3.46 -12.08 3.38
CA GLN A 145 2.44 -11.28 4.05
C GLN A 145 1.88 -12.01 5.26
N GLU A 146 1.70 -13.33 5.15
CA GLU A 146 1.09 -14.05 6.25
C GLU A 146 1.98 -14.14 7.51
N GLN A 147 3.22 -13.60 7.50
CA GLN A 147 3.96 -13.48 8.76
C GLN A 147 3.66 -12.19 9.50
N TYR A 148 3.47 -11.10 8.79
CA TYR A 148 3.41 -9.81 9.43
C TYR A 148 2.02 -9.23 9.57
N LEU A 149 1.14 -9.48 8.59
CA LEU A 149 -0.14 -8.80 8.54
C LEU A 149 -1.19 -9.52 9.37
N GLU A 150 -2.22 -8.75 9.76
CA GLU A 150 -3.40 -9.30 10.40
C GLU A 150 -4.10 -10.31 9.49
N ALA A 151 -4.76 -11.29 10.11
CA ALA A 151 -5.49 -12.24 9.29
C ALA A 151 -6.65 -11.57 8.57
N HIS A 152 -7.17 -10.47 9.11
CA HIS A 152 -8.23 -9.70 8.47
C HIS A 152 -7.69 -8.54 7.63
N ASP A 153 -6.38 -8.51 7.35
CA ASP A 153 -5.80 -7.47 6.50
C ASP A 153 -6.36 -7.56 5.08
N ARG A 154 -6.65 -6.40 4.49
CA ARG A 154 -7.21 -6.34 3.14
C ARG A 154 -6.27 -6.94 2.10
N LEU A 155 -4.97 -6.96 2.37
CA LEU A 155 -4.03 -7.42 1.34
C LEU A 155 -4.08 -8.94 1.20
N LEU A 156 -4.24 -9.64 2.32
CA LEU A 156 -4.38 -11.09 2.25
C LEU A 156 -5.49 -11.47 1.28
N ALA A 157 -6.62 -10.74 1.35
CA ALA A 157 -7.71 -10.96 0.41
C ALA A 157 -7.25 -10.69 -1.02
N GLU A 158 -6.58 -9.56 -1.24
CA GLU A 158 -6.19 -9.16 -2.59
C GLU A 158 -5.19 -10.15 -3.21
N THR A 159 -4.35 -10.81 -2.41
CA THR A 159 -3.40 -11.77 -2.98
C THR A 159 -4.06 -13.12 -3.20
N HIS A 160 -4.74 -13.65 -2.16
CA HIS A 160 -5.54 -14.87 -2.34
C HIS A 160 -6.32 -14.82 -3.65
N TYR A 161 -6.97 -13.68 -3.93
CA TYR A 161 -7.72 -13.53 -5.18
C TYR A 161 -6.79 -13.61 -6.39
N GLN A 162 -5.73 -12.79 -6.40
CA GLN A 162 -4.80 -12.82 -7.52
C GLN A 162 -4.27 -14.22 -7.75
N LEU A 163 -3.91 -14.93 -6.68
CA LEU A 163 -3.42 -16.29 -6.80
C LEU A 163 -4.49 -17.22 -7.34
N GLY A 164 -5.71 -17.12 -6.81
CA GLY A 164 -6.78 -17.95 -7.33
C GLY A 164 -7.07 -17.69 -8.80
N LEU A 165 -6.82 -16.46 -9.27
CA LEU A 165 -6.92 -16.18 -10.69
C LEU A 165 -5.88 -16.95 -11.48
N ALA A 166 -4.61 -16.84 -11.09
CA ALA A 166 -3.57 -17.57 -11.80
C ALA A 166 -3.84 -19.07 -11.79
N TYR A 167 -4.19 -19.63 -10.62
CA TYR A 167 -4.61 -21.03 -10.56
C TYR A 167 -5.70 -21.33 -11.58
N GLY A 168 -6.66 -20.41 -11.72
CA GLY A 168 -7.72 -20.63 -12.68
C GLY A 168 -7.23 -20.58 -14.11
N TYR A 169 -6.32 -19.65 -14.42
CA TYR A 169 -5.81 -19.58 -15.79
C TYR A 169 -5.12 -20.88 -16.15
N ASN A 170 -4.50 -21.53 -15.18
CA ASN A 170 -3.84 -22.81 -15.38
C ASN A 170 -4.82 -23.98 -15.16
N SER A 171 -6.11 -23.67 -15.05
CA SER A 171 -7.21 -24.64 -14.98
C SER A 171 -6.98 -25.70 -13.92
N GLN A 172 -6.44 -25.26 -12.77
CA GLN A 172 -6.43 -26.07 -11.56
C GLN A 172 -7.58 -25.57 -10.70
N TYR A 173 -8.79 -26.01 -11.04
CA TYR A 173 -10.00 -25.39 -10.51
C TYR A 173 -10.19 -25.73 -9.04
N ASP A 174 -9.72 -26.89 -8.60
CA ASP A 174 -9.84 -27.24 -7.20
C ASP A 174 -9.10 -26.24 -6.32
N GLU A 175 -7.92 -25.81 -6.77
CA GLU A 175 -7.10 -24.86 -6.01
C GLU A 175 -7.48 -23.42 -6.27
N ALA A 176 -7.96 -23.11 -7.49
CA ALA A 176 -8.50 -21.78 -7.77
C ALA A 176 -9.75 -21.51 -6.94
N VAL A 177 -10.63 -22.50 -6.80
CA VAL A 177 -11.78 -22.35 -5.90
C VAL A 177 -11.30 -22.22 -4.46
N ALA A 178 -10.24 -22.95 -4.12
CA ALA A 178 -9.70 -22.91 -2.77
C ALA A 178 -9.29 -21.49 -2.41
N GLN A 179 -8.62 -20.80 -3.33
CA GLN A 179 -8.12 -19.46 -3.04
C GLN A 179 -9.23 -18.45 -3.01
N PHE A 180 -10.22 -18.59 -3.91
CA PHE A 180 -11.38 -17.69 -3.86
C PHE A 180 -12.10 -17.81 -2.53
N SER A 181 -12.20 -19.03 -2.01
CA SER A 181 -12.75 -19.24 -0.67
C SER A 181 -11.94 -18.49 0.37
N LYS A 182 -10.63 -18.70 0.38
CA LYS A 182 -9.78 -18.03 1.35
C LYS A 182 -9.87 -16.53 1.22
N SER A 183 -10.02 -16.02 0.00
CA SER A 183 -10.13 -14.59 -0.18
C SER A 183 -11.47 -14.06 0.33
N ILE A 184 -12.55 -14.82 0.13
CA ILE A 184 -13.84 -14.42 0.72
C ILE A 184 -13.75 -14.49 2.25
N GLU A 185 -13.13 -15.53 2.78
CA GLU A 185 -13.02 -15.71 4.24
C GLU A 185 -12.32 -14.52 4.90
N VAL A 186 -11.35 -13.92 4.22
CA VAL A 186 -10.71 -12.72 4.75
C VAL A 186 -11.63 -11.49 4.60
N ILE A 187 -12.24 -11.32 3.42
CA ILE A 187 -13.07 -10.14 3.12
C ILE A 187 -14.23 -10.05 4.09
N GLU A 188 -14.89 -11.18 4.37
CA GLU A 188 -15.96 -11.19 5.37
C GLU A 188 -15.40 -10.87 6.75
N ASN A 189 -14.39 -11.62 7.18
CA ASN A 189 -13.81 -11.41 8.52
C ASN A 189 -13.24 -10.01 8.67
N ARG A 190 -12.99 -9.30 7.57
CA ARG A 190 -12.54 -7.91 7.67
C ARG A 190 -13.72 -6.97 7.93
N MET A 191 -14.74 -7.02 7.07
CA MET A 191 -15.93 -6.18 7.30
C MET A 191 -16.47 -6.32 8.71
N ALA A 192 -16.33 -7.51 9.31
CA ALA A 192 -16.62 -7.67 10.73
C ALA A 192 -15.83 -6.69 11.57
N VAL A 193 -14.51 -6.70 11.41
CA VAL A 193 -13.67 -5.75 12.14
C VAL A 193 -14.08 -4.32 11.81
N LEU A 194 -14.24 -4.04 10.51
CA LEU A 194 -14.57 -2.68 10.08
C LEU A 194 -15.87 -2.21 10.70
N ASN A 195 -16.85 -3.11 10.78
CA ASN A 195 -18.09 -2.73 11.45
C ASN A 195 -17.83 -2.43 12.91
N GLU A 196 -17.10 -3.32 13.59
CA GLU A 196 -16.75 -3.11 14.99
C GLU A 196 -16.03 -1.78 15.20
N GLN A 197 -15.19 -1.40 14.23
CA GLN A 197 -14.45 -0.15 14.34
C GLN A 197 -15.34 1.06 14.10
N VAL A 198 -16.37 0.91 13.27
CA VAL A 198 -17.33 2.00 13.09
C VAL A 198 -18.10 2.24 14.37
N LYS A 199 -18.55 1.17 15.02
CA LYS A 199 -19.21 1.33 16.31
C LYS A 199 -18.34 2.15 17.25
N GLU A 200 -17.11 1.68 17.50
CA GLU A 200 -16.27 2.37 18.47
C GLU A 200 -15.96 3.79 18.01
N ALA A 201 -15.87 4.02 16.68
CA ALA A 201 -15.62 5.36 16.16
C ALA A 201 -16.80 6.29 16.43
N GLU A 202 -18.00 5.87 16.01
CA GLU A 202 -19.19 6.68 16.27
C GLU A 202 -19.54 6.68 17.75
N GLY A 203 -19.17 5.62 18.48
CA GLY A 203 -19.39 5.60 19.91
C GLY A 203 -18.57 6.66 20.62
N SER A 204 -17.28 6.71 20.32
CA SER A 204 -16.43 7.75 20.91
C SER A 204 -16.82 9.12 20.41
N SER A 205 -17.24 9.23 19.14
CA SER A 205 -17.75 10.52 18.66
C SER A 205 -18.93 11.00 19.48
N ALA A 206 -19.73 10.08 20.03
CA ALA A 206 -20.83 10.48 20.88
C ALA A 206 -20.34 10.93 22.25
N GLU A 207 -19.40 10.19 22.85
CA GLU A 207 -18.84 10.60 24.13
C GLU A 207 -18.26 12.01 24.03
N TYR A 208 -17.42 12.24 23.01
CA TYR A 208 -16.79 13.55 22.85
C TYR A 208 -17.83 14.64 22.65
N LYS A 209 -18.88 14.35 21.88
CA LYS A 209 -19.89 15.37 21.61
C LYS A 209 -20.71 15.70 22.86
N LYS A 210 -21.00 14.71 23.71
CA LYS A 210 -21.73 14.97 24.94
C LYS A 210 -20.93 15.87 25.90
N GLU A 211 -19.64 15.60 26.05
CA GLU A 211 -18.85 16.43 26.96
C GLU A 211 -18.84 17.88 26.52
N ILE A 212 -18.71 18.13 25.22
CA ILE A 212 -18.76 19.50 24.73
C ILE A 212 -20.10 20.14 25.10
N GLU A 213 -21.19 19.42 24.84
CA GLU A 213 -22.52 19.98 25.07
C GLU A 213 -22.79 20.21 26.55
N GLU A 214 -21.97 19.64 27.44
CA GLU A 214 -22.06 19.97 28.86
C GLU A 214 -20.94 20.88 29.32
N LEU A 215 -19.74 20.78 28.74
CA LEU A 215 -18.73 21.81 28.98
C LEU A 215 -19.24 23.18 28.56
N LYS A 216 -20.04 23.23 27.49
CA LYS A 216 -20.56 24.51 27.03
C LYS A 216 -21.45 25.15 28.09
N GLU A 217 -22.19 24.34 28.84
CA GLU A 217 -23.27 24.84 29.66
C GLU A 217 -22.87 25.11 31.10
N LEU A 218 -21.56 25.21 31.38
CA LEU A 218 -21.16 25.67 32.70
C LEU A 218 -20.23 26.87 32.67
N LEU A 219 -19.74 27.28 31.50
CA LEU A 219 -19.16 28.61 31.38
C LEU A 219 -20.14 29.71 31.77
N PRO A 220 -21.44 29.62 31.46
CA PRO A 220 -22.40 30.55 32.08
C PRO A 220 -22.26 30.63 33.57
N GLU A 221 -22.18 29.49 34.25
CA GLU A 221 -22.05 29.49 35.70
C GLU A 221 -20.80 30.26 36.13
N ILE A 222 -19.67 30.01 35.45
CA ILE A 222 -18.42 30.66 35.84
C ILE A 222 -18.46 32.16 35.58
N ARG A 223 -19.03 32.57 34.45
CA ARG A 223 -19.12 34.01 34.20
C ARG A 223 -20.03 34.69 35.22
N GLU A 224 -21.24 34.16 35.44
CA GLU A 224 -22.08 34.68 36.51
C GLU A 224 -21.50 34.42 37.89
N LYS A 225 -20.37 33.69 37.98
CA LYS A 225 -19.57 33.65 39.20
C LYS A 225 -18.61 34.82 39.28
N ILE A 226 -18.01 35.20 38.14
CA ILE A 226 -17.15 36.38 38.13
C ILE A 226 -18.00 37.65 38.11
N GLU A 227 -19.09 37.65 37.35
CA GLU A 227 -20.04 38.76 37.39
C GLU A 227 -20.39 39.04 38.85
N ASP A 228 -20.84 38.02 39.56
CA ASP A 228 -21.17 38.19 40.96
C ASP A 228 -19.92 38.36 41.85
N ALA A 229 -18.71 38.11 41.33
CA ALA A 229 -17.50 38.24 42.16
C ALA A 229 -16.93 39.65 42.10
N LYS A 230 -16.67 40.16 40.89
CA LYS A 230 -16.16 41.51 40.76
C LYS A 230 -17.13 42.54 41.29
N GLU A 231 -18.44 42.22 41.28
CA GLU A 231 -19.44 43.10 41.87
C GLU A 231 -19.27 43.18 43.38
N SER A 232 -18.85 42.09 44.02
CA SER A 232 -18.61 42.15 45.46
C SER A 232 -17.31 42.87 45.77
N GLN A 233 -16.37 42.88 44.81
CA GLN A 233 -15.13 43.63 44.98
C GLN A 233 -15.37 45.12 44.91
N ARG A 234 -16.25 45.57 44.01
CA ARG A 234 -16.60 46.98 43.98
C ARG A 234 -17.39 47.38 45.21
N SER A 235 -18.33 46.52 45.65
CA SER A 235 -19.17 46.84 46.81
C SER A 235 -18.35 47.00 48.08
N GLY A 236 -17.32 46.17 48.27
CA GLY A 236 -16.45 46.35 49.41
C GLY A 236 -15.72 47.68 49.41
N ASN A 237 -15.48 48.25 48.21
CA ASN A 237 -14.75 49.51 48.08
C ASN A 237 -15.64 50.74 48.32
#